data_8QS5
#
_entry.id   8QS5
#
_cell.length_a   61.969
_cell.length_b   150.613
_cell.length_c   75.825
_cell.angle_alpha   90.00
_cell.angle_beta   90.00
_cell.angle_gamma   90.00
#
_symmetry.space_group_name_H-M   'C 2 2 2'
#
loop_
_entity.id
_entity.type
_entity.pdbx_description
1 polymer '14-3-3 protein sigma'
2 polymer 'C-RAF peptide pS259'
3 non-polymer 'CHLORIDE ION'
4 non-polymer 'MAGNESIUM ION'
5 non-polymer 2-chloranyl-~{N}-[[1-[3-fluoranyl-4-(trifluoromethyl)phenyl]sulfonylpiperidin-4-yl]methyl]ethanamide
6 water water
#
loop_
_entity_poly.entity_id
_entity_poly.type
_entity_poly.pdbx_seq_one_letter_code
_entity_poly.pdbx_strand_id
1 'polypeptide(L)'
;GAMGSMERASLIQKAKLAEQAERYEDMAAFMKGAVEKGEELSCEERNLLSVAYKNVVGGQRAAWRVLSSIEQKSNEEGSE
EKGPEVREYREKVETELQGVCDTVLGLLDSHLIKEAGDAESRVFYLKMKGDYYRYLAEVATGDDKKRIIDSARSAYQEAM
DISKKEMPPTNPIRLGLALNFSVFHYEIANSPEEAISLAKTTFDEAMADLHTLSEDSYKDSTLIMQLLRDNLTLWT
;
A
2 'polypeptide(L)' QRST(SEP)TPNVH P
#
# COMPACT_ATOMS: atom_id res chain seq x y z
N GLY A 1 19.93 7.74 12.84
CA GLY A 1 19.48 6.35 12.75
C GLY A 1 20.63 5.39 12.53
N ALA A 2 20.33 4.09 12.55
CA ALA A 2 21.35 3.06 12.36
C ALA A 2 22.03 3.18 10.99
N MET A 3 21.36 3.77 10.02
CA MET A 3 21.82 3.87 8.65
C MET A 3 22.54 5.19 8.34
N GLY A 4 22.65 6.08 9.34
CA GLY A 4 23.09 7.45 9.07
C GLY A 4 24.50 7.56 8.56
N SER A 5 25.37 6.58 8.85
CA SER A 5 26.76 6.69 8.42
C SER A 5 27.00 6.14 7.02
N MET A 6 26.01 5.52 6.38
CA MET A 6 26.23 4.82 5.14
C MET A 6 25.80 5.69 3.95
N GLU A 7 26.58 5.65 2.87
CA GLU A 7 26.22 6.43 1.70
C GLU A 7 24.90 5.97 1.11
N ARG A 8 24.15 6.94 0.55
CA ARG A 8 22.86 6.64 -0.06
C ARG A 8 22.95 5.55 -1.14
N ALA A 9 24.00 5.59 -1.96
CA ALA A 9 24.07 4.60 -3.04
C ALA A 9 24.30 3.20 -2.48
N SER A 10 25.08 3.09 -1.40
CA SER A 10 25.31 1.81 -0.75
C SER A 10 24.04 1.28 -0.09
N LEU A 11 23.23 2.19 0.48
CA LEU A 11 21.95 1.79 1.03
C LEU A 11 21.02 1.24 -0.06
N ILE A 12 21.00 1.88 -1.22
CA ILE A 12 20.17 1.39 -2.32
C ILE A 12 20.68 0.04 -2.78
N GLN A 13 22.00 -0.11 -2.90
CA GLN A 13 22.57 -1.35 -3.38
C GLN A 13 22.32 -2.49 -2.39
N LYS A 14 22.39 -2.19 -1.10
CA LYS A 14 22.12 -3.22 -0.09
C LYS A 14 20.63 -3.57 -0.03
N ALA A 15 19.75 -2.60 -0.28
CA ALA A 15 18.33 -2.93 -0.37
C ALA A 15 18.09 -3.95 -1.47
N LYS A 16 18.80 -3.81 -2.59
CA LYS A 16 18.62 -4.75 -3.69
C LYS A 16 19.18 -6.12 -3.34
N LEU A 17 20.30 -6.18 -2.64
CA LEU A 17 20.80 -7.45 -2.13
C LEU A 17 19.82 -8.10 -1.16
N ALA A 18 19.22 -7.29 -0.28
CA ALA A 18 18.28 -7.85 0.70
C ALA A 18 17.04 -8.40 0.00
N GLU A 19 16.56 -7.70 -1.02
CA GLU A 19 15.45 -8.24 -1.80
C GLU A 19 15.82 -9.59 -2.38
N GLN A 20 17.00 -9.70 -2.97
CA GLN A 20 17.42 -10.97 -3.55
C GLN A 20 17.57 -12.05 -2.49
N ALA A 21 17.99 -11.67 -1.29
CA ALA A 21 18.12 -12.64 -0.22
C ALA A 21 16.81 -12.87 0.53
N GLU A 22 15.75 -12.17 0.13
CA GLU A 22 14.45 -12.23 0.79
C GLU A 22 14.55 -11.82 2.26
N ARG A 23 15.43 -10.86 2.56
CA ARG A 23 15.52 -10.31 3.92
C ARG A 23 14.77 -8.99 3.91
N TYR A 24 13.46 -9.05 4.09
CA TYR A 24 12.68 -7.87 3.78
C TYR A 24 12.69 -6.85 4.91
N GLU A 25 12.90 -7.28 6.16
CA GLU A 25 13.14 -6.31 7.22
C GLU A 25 14.40 -5.51 6.96
N ASP A 26 15.50 -6.20 6.66
CA ASP A 26 16.73 -5.50 6.28
C ASP A 26 16.47 -4.56 5.10
N MET A 27 15.77 -5.06 4.07
CA MET A 27 15.54 -4.22 2.90
C MET A 27 14.76 -2.97 3.29
N ALA A 28 13.75 -3.12 4.15
CA ALA A 28 12.99 -1.95 4.59
C ALA A 28 13.86 -1.00 5.41
N ALA A 29 14.76 -1.52 6.26
CA ALA A 29 15.66 -0.64 7.01
C ALA A 29 16.58 0.14 6.09
N PHE A 30 17.13 -0.53 5.08
CA PHE A 30 18.00 0.13 4.11
C PHE A 30 17.27 1.24 3.37
N MET A 31 16.03 1.00 2.93
CA MET A 31 15.29 2.02 2.20
C MET A 31 14.84 3.15 3.11
N LYS A 32 14.57 2.87 4.39
CA LYS A 32 14.32 3.97 5.32
C LYS A 32 15.54 4.86 5.43
N GLY A 33 16.72 4.27 5.56
CA GLY A 33 17.94 5.06 5.57
C GLY A 33 18.08 5.90 4.32
N ALA A 34 17.80 5.30 3.16
CA ALA A 34 17.93 6.04 1.91
C ALA A 34 16.95 7.20 1.85
N VAL A 35 15.70 6.97 2.25
CA VAL A 35 14.73 8.08 2.28
C VAL A 35 15.25 9.20 3.18
N GLU A 36 15.86 8.85 4.31
CA GLU A 36 16.23 9.88 5.27
C GLU A 36 17.41 10.70 4.83
N LYS A 37 18.06 10.37 3.71
CA LYS A 37 19.02 11.29 3.14
C LYS A 37 18.37 12.54 2.55
N GLY A 38 17.05 12.54 2.37
CA GLY A 38 16.32 13.73 2.00
C GLY A 38 16.27 14.03 0.53
N GLU A 39 16.70 13.10 -0.33
CA GLU A 39 16.52 13.30 -1.76
C GLU A 39 15.33 12.52 -2.24
N GLU A 40 14.77 12.92 -3.37
CA GLU A 40 13.60 12.20 -3.81
C GLU A 40 14.02 10.82 -4.35
N LEU A 41 13.04 9.92 -4.42
CA LEU A 41 13.25 8.57 -4.90
C LEU A 41 12.87 8.50 -6.37
N SER A 42 13.64 7.72 -7.14
CA SER A 42 13.28 7.34 -8.49
C SER A 42 12.20 6.24 -8.46
N CYS A 43 11.64 5.95 -9.63
CA CYS A 43 10.66 4.87 -9.75
C CYS A 43 11.22 3.54 -9.26
N GLU A 44 12.44 3.22 -9.66
CA GLU A 44 13.02 1.97 -9.17
C GLU A 44 13.14 1.98 -7.65
N GLU A 45 13.59 3.10 -7.07
CA GLU A 45 13.75 3.15 -5.61
C GLU A 45 12.41 3.09 -4.92
N ARG A 46 11.40 3.73 -5.48
CA ARG A 46 10.06 3.64 -4.92
C ARG A 46 9.57 2.21 -4.92
N ASN A 47 9.93 1.45 -5.97
CA ASN A 47 9.52 0.06 -5.99
C ASN A 47 10.18 -0.73 -4.86
N LEU A 48 11.47 -0.49 -4.63
CA LEU A 48 12.17 -1.11 -3.50
C LEU A 48 11.48 -0.80 -2.18
N LEU A 49 11.16 0.48 -1.96
CA LEU A 49 10.50 0.88 -0.71
C LEU A 49 9.15 0.18 -0.55
N SER A 50 8.34 0.23 -1.62
CA SER A 50 7.04 -0.42 -1.60
C SER A 50 7.16 -1.91 -1.29
N VAL A 51 8.01 -2.63 -2.03
CA VAL A 51 8.12 -4.08 -1.86
C VAL A 51 8.57 -4.43 -0.44
N ALA A 52 9.52 -3.67 0.09
CA ALA A 52 10.10 -4.00 1.40
C ALA A 52 9.05 -3.92 2.49
N TYR A 53 8.45 -2.73 2.65
CA TYR A 53 7.49 -2.54 3.74
C TYR A 53 6.23 -3.38 3.53
N LYS A 54 5.78 -3.55 2.29
CA LYS A 54 4.60 -4.40 2.09
C LYS A 54 4.89 -5.85 2.51
N ASN A 55 6.10 -6.35 2.25
CA ASN A 55 6.45 -7.70 2.68
C ASN A 55 6.46 -7.80 4.21
N VAL A 56 7.05 -6.82 4.88
CA VAL A 56 7.09 -6.84 6.34
C VAL A 56 5.67 -6.77 6.90
N VAL A 57 4.90 -5.78 6.44
CA VAL A 57 3.58 -5.58 7.04
C VAL A 57 2.62 -6.70 6.60
N GLY A 58 2.84 -7.30 5.43
CA GLY A 58 1.97 -8.39 5.00
C GLY A 58 2.09 -9.63 5.88
N GLY A 59 3.31 -9.96 6.31
CA GLY A 59 3.46 -11.08 7.22
C GLY A 59 2.89 -10.78 8.60
N GLN A 60 2.96 -9.52 9.02
CA GLN A 60 2.32 -9.14 10.27
C GLN A 60 0.80 -9.23 10.16
N ARG A 61 0.22 -8.76 9.04
CA ARG A 61 -1.22 -8.83 8.86
C ARG A 61 -1.68 -10.28 8.85
N ALA A 62 -0.96 -11.15 8.13
CA ALA A 62 -1.34 -12.56 8.08
C ALA A 62 -1.27 -13.20 9.47
N ALA A 63 -0.21 -12.93 10.22
CA ALA A 63 -0.13 -13.43 11.59
C ALA A 63 -1.28 -12.89 12.42
N TRP A 64 -1.54 -11.58 12.36
CA TRP A 64 -2.64 -11.00 13.10
C TRP A 64 -3.96 -11.69 12.78
N ARG A 65 -4.24 -11.95 11.49
CA ARG A 65 -5.53 -12.57 11.16
C ARG A 65 -5.61 -13.99 11.70
N VAL A 66 -4.50 -14.71 11.74
CA VAL A 66 -4.51 -16.05 12.30
C VAL A 66 -4.84 -16.01 13.79
N LEU A 67 -4.13 -15.17 14.53
CA LEU A 67 -4.38 -15.05 15.96
C LEU A 67 -5.77 -14.51 16.23
N SER A 68 -6.19 -13.52 15.43
CA SER A 68 -7.50 -12.91 15.64
C SER A 68 -8.61 -13.94 15.44
N SER A 69 -8.45 -14.85 14.48
CA SER A 69 -9.45 -15.89 14.29
C SER A 69 -9.45 -16.88 15.46
N ILE A 70 -8.28 -17.31 15.91
CA ILE A 70 -8.22 -18.17 17.09
C ILE A 70 -8.86 -17.49 18.29
N GLU A 71 -8.62 -16.18 18.44
CA GLU A 71 -9.20 -15.45 19.56
C GLU A 71 -10.72 -15.44 19.48
N GLN A 72 -11.27 -15.13 18.29
CA GLN A 72 -12.72 -15.07 18.14
C GLN A 72 -13.35 -16.45 18.37
N LYS A 73 -12.77 -17.50 17.79
CA LYS A 73 -13.31 -18.83 17.94
C LYS A 73 -13.31 -19.34 19.38
N SER A 74 -12.74 -18.57 20.31
CA SER A 74 -12.72 -18.95 21.71
C SER A 74 -13.71 -18.13 22.54
N GLY A 83 -8.10 -18.59 29.00
CA GLY A 83 -6.79 -18.02 29.31
C GLY A 83 -6.49 -16.75 28.52
N PRO A 84 -5.60 -15.90 29.05
CA PRO A 84 -5.30 -14.63 28.40
C PRO A 84 -4.29 -14.72 27.27
N GLU A 85 -3.76 -15.92 26.99
CA GLU A 85 -2.57 -16.05 26.14
C GLU A 85 -2.85 -15.62 24.69
N VAL A 86 -3.98 -16.01 24.11
CA VAL A 86 -4.23 -15.65 22.72
C VAL A 86 -4.38 -14.14 22.57
N ARG A 87 -5.18 -13.50 23.44
CA ARG A 87 -5.32 -12.05 23.36
C ARG A 87 -3.98 -11.36 23.55
N GLU A 88 -3.21 -11.78 24.55
CA GLU A 88 -1.91 -11.19 24.82
C GLU A 88 -1.01 -11.29 23.58
N TYR A 89 -0.94 -12.48 22.98
CA TYR A 89 -0.05 -12.63 21.83
C TYR A 89 -0.59 -11.86 20.63
N ARG A 90 -1.91 -11.87 20.44
CA ARG A 90 -2.49 -11.07 19.35
C ARG A 90 -2.17 -9.59 19.54
N GLU A 91 -2.25 -9.10 20.78
CA GLU A 91 -1.96 -7.70 21.07
C GLU A 91 -0.49 -7.37 20.80
N LYS A 92 0.41 -8.31 21.07
CA LYS A 92 1.82 -8.11 20.76
C LYS A 92 2.06 -7.97 19.25
N VAL A 93 1.44 -8.84 18.46
CA VAL A 93 1.60 -8.74 17.01
C VAL A 93 0.96 -7.44 16.50
N GLU A 94 -0.23 -7.13 16.99
CA GLU A 94 -0.91 -5.87 16.66
C GLU A 94 0.00 -4.67 16.89
N THR A 95 0.60 -4.60 18.07
CA THR A 95 1.47 -3.48 18.39
C THR A 95 2.63 -3.37 17.43
N GLU A 96 3.26 -4.50 17.08
CA GLU A 96 4.34 -4.45 16.12
C GLU A 96 3.86 -3.98 14.75
N LEU A 97 2.67 -4.43 14.30
CA LEU A 97 2.14 -4.00 13.01
C LEU A 97 1.88 -2.50 13.01
N GLN A 98 1.29 -1.98 14.09
CA GLN A 98 1.07 -0.54 14.16
C GLN A 98 2.38 0.23 14.16
N GLY A 99 3.43 -0.33 14.77
CA GLY A 99 4.72 0.34 14.74
C GLY A 99 5.30 0.45 13.34
N VAL A 100 5.11 -0.59 12.52
CA VAL A 100 5.61 -0.53 11.15
C VAL A 100 4.80 0.46 10.34
N CYS A 101 3.47 0.48 10.53
CA CYS A 101 2.63 1.42 9.81
C CYS A 101 2.96 2.86 10.20
N ASP A 102 3.23 3.10 11.49
CA ASP A 102 3.59 4.44 11.93
C ASP A 102 4.92 4.87 11.33
N THR A 103 5.84 3.94 11.19
CA THR A 103 7.13 4.22 10.57
C THR A 103 6.94 4.64 9.11
N VAL A 104 6.18 3.85 8.34
CA VAL A 104 5.91 4.19 6.95
C VAL A 104 5.24 5.56 6.86
N LEU A 105 4.17 5.77 7.64
CA LEU A 105 3.46 7.04 7.58
C LEU A 105 4.34 8.20 8.00
N GLY A 106 5.25 7.97 8.95
CA GLY A 106 6.17 9.02 9.32
C GLY A 106 7.09 9.40 8.18
N LEU A 107 7.64 8.40 7.48
CA LEU A 107 8.48 8.68 6.32
C LEU A 107 7.71 9.44 5.26
N LEU A 108 6.48 9.02 4.98
CA LEU A 108 5.70 9.70 3.97
C LEU A 108 5.49 11.16 4.35
N ASP A 109 5.16 11.41 5.61
CA ASP A 109 4.87 12.77 6.03
C ASP A 109 6.13 13.60 6.27
N SER A 110 7.18 12.99 6.82
CA SER A 110 8.40 13.75 7.05
C SER A 110 9.16 14.01 5.76
N HIS A 111 9.10 13.09 4.79
CA HIS A 111 10.10 13.18 3.71
C HIS A 111 9.54 13.06 2.31
N LEU A 112 8.55 12.19 2.09
CA LEU A 112 8.28 11.75 0.73
C LEU A 112 7.20 12.57 0.03
N ILE A 113 6.09 12.82 0.73
CA ILE A 113 5.00 13.61 0.16
C ILE A 113 5.43 15.07 0.16
N LYS A 114 5.60 15.64 -1.03
CA LYS A 114 5.91 17.06 -1.15
C LYS A 114 4.92 17.68 -2.13
N GLU A 115 4.90 19.02 -2.16
CA GLU A 115 3.92 19.73 -2.99
C GLU A 115 4.19 19.52 -4.47
N ALA A 116 5.47 19.47 -4.87
CA ALA A 116 5.85 19.37 -6.27
C ALA A 116 6.31 17.94 -6.60
N GLY A 117 7.11 17.82 -7.65
CA GLY A 117 7.58 16.53 -8.12
C GLY A 117 6.57 15.85 -9.04
N ASP A 118 7.05 14.79 -9.69
CA ASP A 118 6.26 13.86 -10.49
C ASP A 118 4.84 13.72 -9.97
N ALA A 119 3.84 13.89 -10.84
CA ALA A 119 2.48 13.51 -10.44
C ALA A 119 2.41 12.01 -10.21
N GLU A 120 3.14 11.25 -11.04
CA GLU A 120 3.42 9.85 -10.79
C GLU A 120 3.85 9.64 -9.33
N SER A 121 4.87 10.38 -8.88
CA SER A 121 5.37 10.16 -7.53
C SER A 121 4.34 10.61 -6.48
N ARG A 122 3.68 11.75 -6.70
CA ARG A 122 2.71 12.24 -5.72
C ARG A 122 1.57 11.26 -5.51
N VAL A 123 1.02 10.73 -6.62
CA VAL A 123 -0.05 9.74 -6.51
C VAL A 123 0.43 8.49 -5.79
N PHE A 124 1.64 8.03 -6.08
CA PHE A 124 2.08 6.80 -5.44
C PHE A 124 2.18 6.96 -3.93
N TYR A 125 2.73 8.10 -3.46
CA TYR A 125 2.91 8.29 -2.02
C TYR A 125 1.58 8.47 -1.32
N LEU A 126 0.64 9.18 -1.94
CA LEU A 126 -0.68 9.33 -1.36
C LEU A 126 -1.42 7.99 -1.31
N LYS A 127 -1.27 7.16 -2.35
CA LYS A 127 -1.81 5.80 -2.31
C LYS A 127 -1.18 5.02 -1.18
N MET A 128 0.14 5.15 -1.00
CA MET A 128 0.81 4.40 0.04
C MET A 128 0.36 4.87 1.42
N LYS A 129 0.11 6.17 1.57
CA LYS A 129 -0.48 6.69 2.81
C LYS A 129 -1.86 6.06 3.06
N GLY A 130 -2.72 6.06 2.05
CA GLY A 130 -4.02 5.40 2.18
C GLY A 130 -3.90 3.92 2.57
N ASP A 131 -2.99 3.19 1.93
CA ASP A 131 -2.81 1.77 2.23
C ASP A 131 -2.47 1.54 3.70
N TYR A 132 -1.49 2.29 4.22
CA TYR A 132 -0.99 2.02 5.57
C TYR A 132 -1.93 2.54 6.65
N TYR A 133 -2.74 3.56 6.36
CA TYR A 133 -3.85 3.86 7.25
C TYR A 133 -4.91 2.77 7.19
N ARG A 134 -5.10 2.15 6.02
CA ARG A 134 -6.05 1.06 5.91
C ARG A 134 -5.58 -0.16 6.71
N TYR A 135 -4.28 -0.45 6.66
CA TYR A 135 -3.76 -1.54 7.50
C TYR A 135 -3.94 -1.24 8.97
N LEU A 136 -3.85 0.03 9.38
CA LEU A 136 -4.15 0.38 10.77
C LEU A 136 -5.64 0.22 11.07
N ALA A 137 -6.48 0.53 10.09
CA ALA A 137 -7.93 0.39 10.28
C ALA A 137 -8.35 -1.05 10.39
N GLU A 138 -7.57 -1.98 9.82
CA GLU A 138 -7.91 -3.39 9.98
C GLU A 138 -7.84 -3.84 11.45
N VAL A 139 -7.01 -3.19 12.28
CA VAL A 139 -6.82 -3.62 13.66
C VAL A 139 -7.32 -2.60 14.67
N ALA A 140 -7.95 -1.51 14.23
CA ALA A 140 -8.35 -0.43 15.12
C ALA A 140 -9.75 -0.69 15.69
N THR A 141 -10.09 0.06 16.75
CA THR A 141 -11.39 -0.10 17.40
C THR A 141 -12.08 1.23 17.77
N GLY A 142 -11.46 2.03 18.62
CA GLY A 142 -12.20 3.10 19.29
C GLY A 142 -12.22 4.44 18.60
N ASP A 143 -11.99 5.51 19.39
CA ASP A 143 -11.75 6.83 18.83
C ASP A 143 -10.66 6.77 17.79
N ASP A 144 -9.72 5.83 17.95
CA ASP A 144 -8.70 5.59 16.94
C ASP A 144 -9.31 5.30 15.58
N LYS A 145 -10.44 4.58 15.54
CA LYS A 145 -10.87 3.89 14.32
C LYS A 145 -11.44 4.84 13.26
N LYS A 146 -12.53 5.54 13.57
CA LYS A 146 -13.10 6.44 12.57
C LYS A 146 -12.10 7.52 12.18
N ARG A 147 -11.28 7.97 13.14
CA ARG A 147 -10.18 8.87 12.81
C ARG A 147 -9.28 8.26 11.74
N ILE A 148 -8.94 6.98 11.89
CA ILE A 148 -8.01 6.33 10.97
C ILE A 148 -8.69 6.10 9.61
N ILE A 149 -9.96 5.70 9.62
CA ILE A 149 -10.69 5.49 8.38
C ILE A 149 -10.78 6.77 7.57
N ASP A 150 -10.87 7.92 8.25
CA ASP A 150 -11.01 9.19 7.54
C ASP A 150 -9.68 9.63 6.93
N SER A 151 -8.57 9.36 7.62
CA SER A 151 -7.27 9.68 7.02
C SER A 151 -7.00 8.80 5.81
N ALA A 152 -7.41 7.53 5.86
CA ALA A 152 -7.25 6.66 4.70
C ALA A 152 -8.08 7.16 3.52
N ARG A 153 -9.37 7.40 3.75
CA ARG A 153 -10.23 7.88 2.66
C ARG A 153 -9.70 9.17 2.08
N SER A 154 -9.28 10.10 2.94
CA SER A 154 -8.81 11.39 2.46
C SER A 154 -7.59 11.23 1.55
N ALA A 155 -6.61 10.43 1.97
CA ALA A 155 -5.41 10.25 1.17
C ALA A 155 -5.72 9.56 -0.15
N TYR A 156 -6.55 8.52 -0.12
CA TYR A 156 -6.95 7.86 -1.36
C TYR A 156 -7.61 8.85 -2.29
N GLN A 157 -8.57 9.61 -1.77
CA GLN A 157 -9.37 10.50 -2.62
C GLN A 157 -8.49 11.57 -3.25
N GLU A 158 -7.55 12.12 -2.48
CA GLU A 158 -6.63 13.08 -3.07
C GLU A 158 -5.79 12.43 -4.17
N ALA A 159 -5.38 11.18 -3.95
CA ALA A 159 -4.63 10.48 -4.99
C ALA A 159 -5.50 10.23 -6.23
N MET A 160 -6.78 9.92 -6.03
CA MET A 160 -7.70 9.70 -7.14
C MET A 160 -7.80 10.93 -8.01
N ASP A 161 -7.97 12.09 -7.38
CA ASP A 161 -8.17 13.33 -8.11
C ASP A 161 -6.97 13.62 -9.01
N ILE A 162 -5.77 13.53 -8.45
CA ILE A 162 -4.57 13.77 -9.24
C ILE A 162 -4.45 12.76 -10.37
N SER A 163 -4.68 11.47 -10.05
CA SER A 163 -4.47 10.42 -11.05
C SER A 163 -5.40 10.59 -12.24
N LYS A 164 -6.67 10.92 -11.99
CA LYS A 164 -7.62 11.12 -13.08
C LYS A 164 -7.27 12.36 -13.91
N LYS A 165 -6.64 13.35 -13.29
CA LYS A 165 -6.24 14.55 -14.02
C LYS A 165 -4.96 14.31 -14.84
N GLU A 166 -4.02 13.52 -14.34
CA GLU A 166 -2.66 13.55 -14.85
C GLU A 166 -2.15 12.25 -15.47
N MET A 167 -2.87 11.14 -15.36
CA MET A 167 -2.38 9.84 -15.82
C MET A 167 -3.44 9.17 -16.68
N PRO A 168 -3.02 8.39 -17.68
CA PRO A 168 -3.97 7.66 -18.50
C PRO A 168 -4.61 6.55 -17.67
N PRO A 169 -5.76 6.04 -18.11
CA PRO A 169 -6.51 5.10 -17.28
C PRO A 169 -5.89 3.71 -17.19
N THR A 170 -4.84 3.40 -17.94
CA THR A 170 -4.14 2.13 -17.79
C THR A 170 -2.90 2.24 -16.94
N ASN A 171 -2.53 3.45 -16.53
CA ASN A 171 -1.30 3.61 -15.76
C ASN A 171 -1.37 2.75 -14.50
N PRO A 172 -0.31 2.00 -14.19
CA PRO A 172 -0.41 1.01 -13.08
C PRO A 172 -0.52 1.63 -11.70
N ILE A 173 0.07 2.80 -11.45
CA ILE A 173 -0.20 3.47 -10.17
C ILE A 173 -1.67 3.85 -10.08
N ARG A 174 -2.22 4.43 -11.16
CA ARG A 174 -3.62 4.80 -11.16
C ARG A 174 -4.49 3.56 -10.95
N LEU A 175 -4.20 2.47 -11.67
CA LEU A 175 -4.96 1.24 -11.52
C LEU A 175 -4.83 0.65 -10.11
N GLY A 176 -3.60 0.49 -9.63
CA GLY A 176 -3.40 -0.14 -8.32
C GLY A 176 -4.04 0.68 -7.21
N LEU A 177 -3.94 2.01 -7.31
CA LEU A 177 -4.64 2.91 -6.40
C LEU A 177 -6.14 2.66 -6.42
N ALA A 178 -6.75 2.66 -7.61
CA ALA A 178 -8.19 2.44 -7.71
C ALA A 178 -8.59 1.07 -7.19
N LEU A 179 -7.80 0.05 -7.51
CA LEU A 179 -8.06 -1.28 -6.95
C LEU A 179 -8.01 -1.24 -5.41
N ASN A 180 -7.01 -0.58 -4.84
CA ASN A 180 -6.88 -0.56 -3.38
C ASN A 180 -7.95 0.31 -2.73
N PHE A 181 -8.28 1.45 -3.35
CA PHE A 181 -9.38 2.27 -2.86
C PHE A 181 -10.69 1.48 -2.84
N SER A 182 -10.91 0.65 -3.86
CA SER A 182 -12.16 -0.12 -3.87
C SER A 182 -12.16 -1.20 -2.80
N VAL A 183 -11.00 -1.78 -2.49
CA VAL A 183 -10.92 -2.70 -1.36
C VAL A 183 -11.22 -1.97 -0.06
N PHE A 184 -10.67 -0.76 0.12
CA PHE A 184 -11.04 0.07 1.26
C PHE A 184 -12.55 0.23 1.35
N HIS A 185 -13.20 0.60 0.24
CA HIS A 185 -14.66 0.75 0.26
C HIS A 185 -15.33 -0.55 0.72
N TYR A 186 -14.93 -1.68 0.15
CA TYR A 186 -15.64 -2.92 0.46
C TYR A 186 -15.32 -3.42 1.86
N GLU A 187 -14.02 -3.47 2.23
CA GLU A 187 -13.62 -4.16 3.45
C GLU A 187 -13.53 -3.27 4.67
N ILE A 188 -13.29 -1.97 4.51
CA ILE A 188 -13.06 -1.07 5.64
C ILE A 188 -14.26 -0.15 5.87
N ALA A 189 -14.75 0.49 4.80
CA ALA A 189 -15.81 1.48 4.93
C ALA A 189 -17.21 0.88 4.87
N ASN A 190 -17.32 -0.43 4.57
CA ASN A 190 -18.62 -1.08 4.44
C ASN A 190 -19.50 -0.40 3.39
N SER A 191 -18.92 -0.08 2.22
CA SER A 191 -19.64 0.52 1.11
C SER A 191 -19.56 -0.41 -0.11
N PRO A 192 -20.30 -1.52 -0.09
CA PRO A 192 -20.21 -2.45 -1.23
C PRO A 192 -20.52 -1.80 -2.57
N GLU A 193 -21.50 -0.90 -2.61
CA GLU A 193 -21.87 -0.27 -3.87
C GLU A 193 -20.74 0.58 -4.42
N GLU A 194 -20.16 1.44 -3.58
CA GLU A 194 -19.03 2.26 -4.02
C GLU A 194 -17.89 1.39 -4.53
N ALA A 195 -17.59 0.31 -3.82
CA ALA A 195 -16.51 -0.57 -4.24
C ALA A 195 -16.80 -1.16 -5.60
N ILE A 196 -18.03 -1.64 -5.82
CA ILE A 196 -18.39 -2.19 -7.12
C ILE A 196 -18.37 -1.09 -8.17
N SER A 197 -18.91 0.09 -7.83
CA SER A 197 -18.97 1.16 -8.81
C SER A 197 -17.57 1.62 -9.22
N LEU A 198 -16.67 1.80 -8.25
CA LEU A 198 -15.31 2.22 -8.57
C LEU A 198 -14.57 1.15 -9.39
N ALA A 199 -14.65 -0.11 -8.96
CA ALA A 199 -13.93 -1.15 -9.68
C ALA A 199 -14.42 -1.28 -11.10
N LYS A 200 -15.75 -1.19 -11.30
CA LYS A 200 -16.32 -1.31 -12.64
C LYS A 200 -15.84 -0.18 -13.55
N THR A 201 -16.04 1.08 -13.13
CA THR A 201 -15.63 2.19 -13.98
C THR A 201 -14.13 2.19 -14.22
N THR A 202 -13.33 1.74 -13.24
CA THR A 202 -11.89 1.65 -13.42
C THR A 202 -11.53 0.63 -14.49
N PHE A 203 -12.11 -0.56 -14.41
CA PHE A 203 -11.87 -1.58 -15.42
C PHE A 203 -12.37 -1.11 -16.79
N ASP A 204 -13.61 -0.63 -16.85
CA ASP A 204 -14.19 -0.23 -18.14
C ASP A 204 -13.41 0.92 -18.78
N GLU A 205 -12.97 1.89 -17.97
CA GLU A 205 -12.23 3.01 -18.55
C GLU A 205 -10.84 2.58 -19.01
N ALA A 206 -10.22 1.63 -18.29
CA ALA A 206 -8.96 1.07 -18.75
C ALA A 206 -9.14 0.39 -20.11
N MET A 207 -10.19 -0.42 -20.25
CA MET A 207 -10.44 -1.11 -21.52
C MET A 207 -10.78 -0.13 -22.62
N ALA A 208 -11.60 0.89 -22.32
CA ALA A 208 -11.98 1.86 -23.35
C ALA A 208 -10.76 2.61 -23.88
N ASP A 209 -9.74 2.78 -23.06
CA ASP A 209 -8.51 3.48 -23.45
C ASP A 209 -7.33 2.52 -23.39
N LEU A 210 -7.56 1.28 -23.87
CA LEU A 210 -6.53 0.25 -23.81
C LEU A 210 -5.30 0.65 -24.58
N HIS A 211 -5.46 1.49 -25.61
CA HIS A 211 -4.35 1.94 -26.43
C HIS A 211 -3.29 2.69 -25.62
N THR A 212 -3.56 3.07 -24.37
CA THR A 212 -2.60 3.86 -23.60
C THR A 212 -1.65 2.99 -22.78
N LEU A 213 -1.74 1.67 -22.89
CA LEU A 213 -0.80 0.78 -22.23
C LEU A 213 0.62 1.18 -22.57
N SER A 214 1.51 1.15 -21.58
CA SER A 214 2.90 1.52 -21.82
C SER A 214 3.76 0.29 -22.06
N GLU A 215 4.72 0.44 -22.97
CA GLU A 215 5.64 -0.63 -23.32
C GLU A 215 6.37 -1.18 -22.09
N ASP A 216 6.71 -0.32 -21.14
CA ASP A 216 7.51 -0.77 -20.02
C ASP A 216 6.68 -1.16 -18.80
N SER A 217 5.35 -1.13 -18.89
CA SER A 217 4.55 -1.47 -17.72
C SER A 217 3.23 -2.19 -18.04
N TYR A 218 2.99 -2.59 -19.30
CA TYR A 218 1.68 -3.11 -19.68
C TYR A 218 1.33 -4.40 -18.93
N LYS A 219 2.33 -5.19 -18.52
CA LYS A 219 2.01 -6.41 -17.78
C LYS A 219 1.49 -6.11 -16.39
N ASP A 220 2.01 -5.05 -15.75
CA ASP A 220 1.43 -4.58 -14.49
C ASP A 220 0.00 -4.13 -14.70
N SER A 221 -0.23 -3.31 -15.73
CA SER A 221 -1.59 -2.83 -16.00
C SER A 221 -2.57 -3.98 -16.19
N THR A 222 -2.24 -4.93 -17.07
CA THR A 222 -3.22 -5.98 -17.34
C THR A 222 -3.42 -6.88 -16.12
N LEU A 223 -2.41 -6.99 -15.26
CA LEU A 223 -2.58 -7.77 -14.04
C LEU A 223 -3.61 -7.11 -13.13
N ILE A 224 -3.50 -5.79 -12.92
CA ILE A 224 -4.47 -5.10 -12.07
C ILE A 224 -5.86 -5.17 -12.65
N MET A 225 -5.97 -5.04 -13.99
CA MET A 225 -7.30 -5.11 -14.60
C MET A 225 -7.96 -6.45 -14.28
N GLN A 226 -7.18 -7.54 -14.37
CA GLN A 226 -7.69 -8.87 -14.02
C GLN A 226 -8.11 -8.94 -12.55
N LEU A 227 -7.32 -8.32 -11.64
CA LEU A 227 -7.68 -8.35 -10.22
C LEU A 227 -8.95 -7.54 -9.95
N LEU A 228 -9.13 -6.41 -10.64
CA LEU A 228 -10.41 -5.71 -10.58
C LEU A 228 -11.55 -6.64 -11.00
N ARG A 229 -11.37 -7.37 -12.11
CA ARG A 229 -12.40 -8.28 -12.60
C ARG A 229 -12.67 -9.40 -11.59
N ASP A 230 -11.62 -9.86 -10.91
CA ASP A 230 -11.79 -10.91 -9.89
C ASP A 230 -12.63 -10.39 -8.72
N ASN A 231 -12.37 -9.17 -8.26
CA ASN A 231 -13.14 -8.62 -7.15
C ASN A 231 -14.60 -8.42 -7.56
N LEU A 232 -14.84 -7.95 -8.79
CA LEU A 232 -16.21 -7.78 -9.25
C LEU A 232 -16.95 -9.11 -9.28
N THR A 233 -16.28 -10.19 -9.69
CA THR A 233 -16.92 -11.50 -9.69
C THR A 233 -17.21 -11.97 -8.26
N LEU A 234 -16.26 -11.74 -7.35
CA LEU A 234 -16.49 -12.09 -5.96
C LEU A 234 -17.59 -11.24 -5.34
N TRP A 235 -17.69 -9.96 -5.73
CA TRP A 235 -18.66 -9.06 -5.16
C TRP A 235 -20.02 -9.12 -5.85
N THR A 236 -20.12 -9.82 -6.98
CA THR A 236 -21.38 -10.07 -7.65
C THR A 236 -21.56 -11.56 -7.98
N GLN B 1 -13.68 -15.59 0.88
CA GLN B 1 -12.47 -15.00 0.30
C GLN B 1 -12.38 -13.51 0.61
N ARG B 2 -11.22 -13.06 1.07
CA ARG B 2 -10.98 -11.63 1.23
C ARG B 2 -10.82 -10.99 -0.15
N SER B 3 -11.09 -9.68 -0.20
CA SER B 3 -10.88 -8.97 -1.45
C SER B 3 -9.40 -8.93 -1.79
N THR B 4 -9.09 -8.84 -3.08
CA THR B 4 -7.70 -8.81 -3.50
C THR B 4 -7.24 -7.36 -3.72
N THR B 6 -3.65 -4.63 -4.47
CA THR B 6 -2.47 -4.65 -5.33
C THR B 6 -1.40 -5.57 -4.77
N PRO B 7 -0.91 -6.49 -5.60
CA PRO B 7 0.06 -7.46 -5.10
C PRO B 7 1.43 -6.84 -4.97
N ASN B 8 2.25 -7.53 -4.18
CA ASN B 8 3.59 -7.07 -3.87
C ASN B 8 4.62 -7.69 -4.82
N VAL B 9 4.43 -7.44 -6.11
CA VAL B 9 5.34 -7.97 -7.10
C VAL B 9 5.93 -6.81 -7.88
N HIS B 10 6.95 -7.11 -8.68
CA HIS B 10 7.50 -6.12 -9.59
C HIS B 10 6.60 -5.99 -10.82
#